data_3P52
#
_entry.id   3P52
#
_cell.length_a   120.945
_cell.length_b   120.945
_cell.length_c   91.795
_cell.angle_alpha   90.00
_cell.angle_beta   90.00
_cell.angle_gamma   120.00
#
_symmetry.space_group_name_H-M   'P 3 2 1'
#
loop_
_entity.id
_entity.type
_entity.pdbx_description
1 polymer 'NH(3)-dependent NAD(+) synthetase'
2 non-polymer 'NITRATE ION'
3 water water
#
_entity_poly.entity_id   1
_entity_poly.type   'polypeptide(L)'
_entity_poly.pdbx_seq_one_letter_code
;NSA(MSE)DWQKITEK(MSE)CDFIQEKVKNSQSQGVVLGLSGGIDSALVATLCKRALKENVFALL(MSE)PTQISNKAN
LEDALRLCADLNLEYKIIEIQSILDAFIKQSENTTLVSLGNFAARIR(MSE)SLLYDYSALKNSLVIGTSNKSELLLGYG
TIYGDLACAFNPIGSLYKSEIYALAKYLNLHENFIKKAPSADLWENQSDEADLGFSYTKIDEGLKALETNDEKLLRTLDP
SLIA(MSE)LKNR(MSE)QKNAFKGK(MSE)PEILEI
;
_entity_poly.pdbx_strand_id   A,B
#
loop_
_chem_comp.id
_chem_comp.type
_chem_comp.name
_chem_comp.formula
NO3 non-polymer 'NITRATE ION' 'N O3 -1'
#
# COMPACT_ATOMS: atom_id res chain seq x y z
N ALA A 3 -15.03 -12.24 -28.75
CA ALA A 3 -14.81 -10.90 -29.39
C ALA A 3 -15.84 -9.82 -28.95
N MSE A 4 -15.35 -8.59 -28.75
CA MSE A 4 -16.17 -7.51 -28.16
C MSE A 4 -15.86 -6.16 -28.76
O MSE A 4 -15.06 -6.05 -29.69
CB MSE A 4 -16.00 -7.47 -26.63
CG MSE A 4 -14.60 -7.81 -26.18
SE MSE A 4 -14.43 -8.56 -24.35
CE MSE A 4 -15.75 -10.08 -24.49
N ASP A 5 -16.51 -5.12 -28.22
CA ASP A 5 -16.50 -3.81 -28.85
C ASP A 5 -15.40 -2.87 -28.35
N TRP A 6 -14.24 -2.94 -28.99
CA TRP A 6 -13.06 -2.21 -28.51
C TRP A 6 -13.20 -0.72 -28.62
N GLN A 7 -13.83 -0.26 -29.70
CA GLN A 7 -14.04 1.16 -29.91
C GLN A 7 -14.81 1.75 -28.73
N LYS A 8 -15.84 1.02 -28.28
CA LYS A 8 -16.66 1.48 -27.17
C LYS A 8 -15.90 1.32 -25.86
N ILE A 9 -15.18 0.23 -25.72
CA ILE A 9 -14.37 0.01 -24.53
C ILE A 9 -13.30 1.11 -24.37
N THR A 10 -12.63 1.45 -25.47
CA THR A 10 -11.64 2.50 -25.45
C THR A 10 -12.21 3.83 -25.00
N GLU A 11 -13.37 4.20 -25.54
CA GLU A 11 -13.97 5.49 -25.22
C GLU A 11 -14.40 5.50 -23.75
N LYS A 12 -14.88 4.36 -23.28
CA LYS A 12 -15.29 4.23 -21.89
C LYS A 12 -14.11 4.49 -20.96
N MSE A 13 -12.96 3.96 -21.34
CA MSE A 13 -11.71 4.08 -20.56
C MSE A 13 -11.17 5.48 -20.54
O MSE A 13 -10.77 5.97 -19.49
CB MSE A 13 -10.67 3.11 -21.09
CG MSE A 13 -11.01 1.70 -20.73
SE MSE A 13 -9.77 0.34 -21.45
CE MSE A 13 -10.27 -1.19 -20.34
N CYS A 14 -11.17 6.14 -21.69
CA CYS A 14 -10.76 7.53 -21.76
C CYS A 14 -11.66 8.41 -20.91
N ASP A 15 -12.98 8.20 -20.98
CA ASP A 15 -13.90 8.93 -20.12
C ASP A 15 -13.50 8.83 -18.67
N PHE A 16 -13.28 7.59 -18.24
CA PHE A 16 -12.95 7.26 -16.87
C PHE A 16 -11.66 7.95 -16.40
N ILE A 17 -10.64 7.92 -17.24
CA ILE A 17 -9.39 8.59 -16.94
C ILE A 17 -9.62 10.09 -16.76
N GLN A 18 -10.28 10.73 -17.75
CA GLN A 18 -10.61 12.14 -17.68
C GLN A 18 -11.43 12.50 -16.45
N GLU A 19 -12.36 11.62 -16.10
CA GLU A 19 -13.22 11.81 -14.95
C GLU A 19 -12.45 11.83 -13.64
N LYS A 20 -11.40 11.00 -13.50
CA LYS A 20 -10.63 11.00 -12.27
C LYS A 20 -9.79 12.25 -12.13
N VAL A 21 -9.32 12.78 -13.25
CA VAL A 21 -8.48 13.96 -13.19
C VAL A 21 -9.33 15.22 -12.98
N LYS A 22 -10.49 15.29 -13.63
CA LYS A 22 -11.37 16.45 -13.42
C LYS A 22 -11.88 16.50 -11.98
N ASN A 23 -12.29 15.35 -11.43
CA ASN A 23 -12.85 15.29 -10.08
C ASN A 23 -11.78 15.35 -9.02
N SER A 24 -10.56 15.61 -9.44
CA SER A 24 -9.47 15.65 -8.51
C SER A 24 -8.79 17.02 -8.52
N GLN A 25 -8.04 17.28 -7.46
CA GLN A 25 -7.20 18.47 -7.42
C GLN A 25 -5.98 18.31 -8.32
N SER A 26 -5.71 17.10 -8.79
CA SER A 26 -4.56 16.84 -9.67
C SER A 26 -4.73 17.35 -11.11
N GLN A 27 -3.61 17.64 -11.76
CA GLN A 27 -3.56 18.13 -13.15
C GLN A 27 -3.39 17.01 -14.20
N GLY A 28 -3.00 15.81 -13.76
CA GLY A 28 -2.64 14.74 -14.68
C GLY A 28 -2.23 13.44 -14.00
N VAL A 29 -1.63 12.51 -14.74
CA VAL A 29 -1.23 11.23 -14.18
C VAL A 29 0.24 10.90 -14.41
N VAL A 30 0.73 9.99 -13.59
CA VAL A 30 2.03 9.39 -13.80
C VAL A 30 1.93 7.86 -13.71
N LEU A 31 2.62 7.15 -14.58
CA LEU A 31 2.65 5.70 -14.51
C LEU A 31 4.08 5.23 -14.61
N GLY A 32 4.34 4.02 -14.09
CA GLY A 32 5.58 3.28 -14.31
C GLY A 32 5.47 2.53 -15.62
N LEU A 33 6.55 2.48 -16.38
CA LEU A 33 6.53 1.96 -17.77
C LEU A 33 7.72 1.04 -17.94
N SER A 34 7.44 -0.24 -17.99
CA SER A 34 8.49 -1.21 -17.84
C SER A 34 8.92 -1.80 -19.16
N GLY A 35 8.12 -1.56 -20.19
CA GLY A 35 8.29 -2.20 -21.48
C GLY A 35 7.29 -3.33 -21.73
N GLY A 36 6.36 -3.57 -20.81
CA GLY A 36 5.33 -4.60 -21.02
C GLY A 36 4.06 -4.14 -21.73
N ILE A 37 3.27 -5.08 -22.22
CA ILE A 37 2.04 -4.70 -22.89
C ILE A 37 1.04 -3.89 -22.03
N ASP A 38 0.80 -4.27 -20.77
CA ASP A 38 -0.18 -3.57 -19.93
C ASP A 38 0.16 -2.07 -19.86
N SER A 39 1.35 -1.82 -19.33
CA SER A 39 1.99 -0.53 -19.25
C SER A 39 1.83 0.31 -20.53
N ALA A 40 2.16 -0.25 -21.68
CA ALA A 40 2.21 0.51 -22.89
C ALA A 40 0.77 0.83 -23.30
N LEU A 41 -0.10 -0.11 -23.00
CA LEU A 41 -1.50 0.07 -23.26
C LEU A 41 -1.97 1.26 -22.44
N VAL A 42 -1.68 1.25 -21.15
CA VAL A 42 -2.18 2.30 -20.32
C VAL A 42 -1.55 3.65 -20.74
N ALA A 43 -0.29 3.63 -21.14
CA ALA A 43 0.32 4.90 -21.53
C ALA A 43 -0.36 5.40 -22.80
N THR A 44 -0.76 4.48 -23.69
CA THR A 44 -1.40 4.91 -24.91
C THR A 44 -2.72 5.58 -24.52
N LEU A 45 -3.50 4.91 -23.67
CA LEU A 45 -4.84 5.43 -23.41
C LEU A 45 -4.70 6.78 -22.79
N CYS A 46 -3.81 6.90 -21.82
CA CYS A 46 -3.59 8.15 -21.11
C CYS A 46 -3.26 9.31 -22.02
N LYS A 47 -2.43 9.09 -23.04
CA LYS A 47 -2.11 10.18 -23.96
C LYS A 47 -3.33 10.57 -24.78
N ARG A 48 -4.13 9.58 -25.19
CA ARG A 48 -5.37 9.87 -25.91
C ARG A 48 -6.31 10.70 -25.03
N ALA A 49 -6.44 10.30 -23.77
CA ALA A 49 -7.32 10.96 -22.84
C ALA A 49 -6.84 12.32 -22.31
N LEU A 50 -5.53 12.47 -22.07
CA LEU A 50 -5.04 13.62 -21.32
C LEU A 50 -4.02 14.53 -22.01
N LYS A 51 -3.57 14.13 -23.21
CA LYS A 51 -2.61 14.89 -24.03
C LYS A 51 -1.31 15.15 -23.24
N GLU A 52 -0.99 16.42 -22.99
CA GLU A 52 0.28 16.79 -22.30
C GLU A 52 0.41 16.42 -20.79
N ASN A 53 -0.71 16.14 -20.14
CA ASN A 53 -0.72 15.93 -18.71
C ASN A 53 -0.37 14.49 -18.29
N VAL A 54 0.63 13.88 -18.94
CA VAL A 54 1.01 12.51 -18.66
C VAL A 54 2.49 12.44 -18.45
N PHE A 55 2.92 11.62 -17.50
CA PHE A 55 4.35 11.46 -17.23
C PHE A 55 4.70 10.02 -16.90
N ALA A 56 5.81 9.51 -17.43
CA ALA A 56 6.17 8.12 -17.13
C ALA A 56 7.52 8.05 -16.43
N LEU A 57 7.64 7.13 -15.47
CA LEU A 57 8.94 6.76 -14.96
C LEU A 57 9.27 5.40 -15.52
N LEU A 58 10.47 5.24 -16.02
CA LEU A 58 10.99 3.97 -16.45
C LEU A 58 12.05 3.57 -15.45
N MSE A 59 11.83 2.50 -14.71
CA MSE A 59 12.72 2.14 -13.63
C MSE A 59 13.28 0.73 -13.71
O MSE A 59 12.94 -0.13 -12.90
CB MSE A 59 11.95 2.26 -12.34
CG MSE A 59 11.60 3.68 -12.11
SE MSE A 59 10.03 3.93 -11.00
CE MSE A 59 8.56 3.16 -12.12
N PRO A 60 14.17 0.48 -14.67
CA PRO A 60 14.79 -0.83 -14.62
C PRO A 60 15.75 -0.88 -13.44
N THR A 61 16.05 -2.11 -12.99
CA THR A 61 17.06 -2.32 -11.99
C THR A 61 18.44 -2.22 -12.59
N GLN A 62 18.61 -2.58 -13.84
CA GLN A 62 19.90 -2.41 -14.48
C GLN A 62 19.71 -2.02 -15.95
N ILE A 63 20.64 -1.20 -16.46
CA ILE A 63 20.57 -0.75 -17.85
C ILE A 63 21.82 -1.17 -18.62
N SER A 64 21.63 -2.08 -19.57
CA SER A 64 22.74 -2.58 -20.38
C SER A 64 22.31 -2.80 -21.83
N ASN A 65 21.37 -3.73 -22.02
CA ASN A 65 20.87 -4.05 -23.36
C ASN A 65 19.60 -4.88 -23.31
N LYS A 66 18.64 -4.45 -22.50
CA LYS A 66 17.40 -5.15 -22.37
C LYS A 66 16.37 -4.64 -23.38
N ALA A 67 15.81 -5.55 -24.16
CA ALA A 67 14.79 -5.18 -25.13
C ALA A 67 13.63 -4.35 -24.47
N ASN A 68 13.32 -4.64 -23.20
CA ASN A 68 12.28 -3.91 -22.50
C ASN A 68 12.42 -2.41 -22.57
N LEU A 69 13.64 -1.92 -22.35
CA LEU A 69 13.95 -0.51 -22.39
C LEU A 69 13.82 0.00 -23.81
N GLU A 70 14.44 -0.66 -24.78
CA GLU A 70 14.25 -0.34 -26.19
C GLU A 70 12.77 -0.08 -26.42
N ASP A 71 11.95 -1.08 -26.15
CA ASP A 71 10.51 -0.97 -26.39
C ASP A 71 9.85 0.18 -25.67
N ALA A 72 10.20 0.33 -24.39
CA ALA A 72 9.65 1.38 -23.56
C ALA A 72 9.95 2.74 -24.12
N LEU A 73 11.21 2.94 -24.51
CA LEU A 73 11.63 4.23 -25.04
C LEU A 73 11.04 4.45 -26.41
N ARG A 74 10.95 3.42 -27.23
CA ARG A 74 10.45 3.62 -28.58
C ARG A 74 9.01 4.16 -28.46
N LEU A 75 8.31 3.67 -27.44
CA LEU A 75 6.95 4.13 -27.14
C LEU A 75 6.91 5.59 -26.74
N CYS A 76 7.70 5.94 -25.73
CA CYS A 76 7.72 7.30 -25.22
C CYS A 76 7.94 8.26 -26.36
N ALA A 77 8.90 7.96 -27.23
CA ALA A 77 9.17 8.87 -28.34
C ALA A 77 7.97 8.90 -29.28
N ASP A 78 7.44 7.73 -29.62
CA ASP A 78 6.31 7.67 -30.50
C ASP A 78 5.06 8.46 -29.98
N LEU A 79 4.71 8.32 -28.70
CA LEU A 79 3.53 9.01 -28.15
C LEU A 79 3.80 10.45 -27.77
N ASN A 80 5.06 10.89 -27.83
CA ASN A 80 5.47 12.19 -27.28
C ASN A 80 5.11 12.31 -25.81
N LEU A 81 5.41 11.26 -25.08
CA LEU A 81 5.18 11.14 -23.65
C LEU A 81 6.40 11.61 -22.89
N GLU A 82 6.21 12.42 -21.86
CA GLU A 82 7.35 12.93 -21.05
C GLU A 82 7.66 11.86 -20.03
N TYR A 83 8.95 11.64 -19.81
CA TYR A 83 9.34 10.55 -18.98
C TYR A 83 10.72 10.79 -18.36
N LYS A 84 11.15 9.85 -17.53
CA LYS A 84 12.48 9.86 -16.96
C LYS A 84 12.90 8.42 -16.65
N ILE A 85 14.14 8.10 -17.00
CA ILE A 85 14.65 6.78 -16.76
C ILE A 85 15.27 6.88 -15.38
N ILE A 86 14.94 5.98 -14.46
CA ILE A 86 15.65 6.00 -13.20
C ILE A 86 16.05 4.56 -12.90
N GLU A 87 17.35 4.33 -12.80
CA GLU A 87 17.88 3.00 -12.70
C GLU A 87 17.93 2.81 -11.19
N ILE A 88 17.29 1.75 -10.68
CA ILE A 88 17.09 1.62 -9.27
C ILE A 88 18.03 0.67 -8.54
N GLN A 89 19.08 0.16 -9.19
CA GLN A 89 19.98 -0.74 -8.48
C GLN A 89 20.53 -0.15 -7.23
N SER A 90 20.84 1.14 -7.26
CA SER A 90 21.39 1.73 -6.04
C SER A 90 20.52 1.71 -4.82
N ILE A 91 19.24 2.08 -5.02
CA ILE A 91 18.31 2.12 -3.94
C ILE A 91 18.19 0.67 -3.49
N LEU A 92 18.01 -0.22 -4.45
CA LEU A 92 17.89 -1.64 -4.16
C LEU A 92 19.08 -2.22 -3.37
N ASP A 93 20.30 -1.87 -3.74
CA ASP A 93 21.43 -2.31 -2.92
C ASP A 93 21.31 -1.85 -1.46
N ALA A 94 20.78 -0.64 -1.25
CA ALA A 94 20.77 -0.10 0.09
C ALA A 94 19.75 -0.87 0.98
N PHE A 95 18.64 -1.33 0.39
CA PHE A 95 17.69 -2.14 1.14
C PHE A 95 18.28 -3.50 1.43
N ILE A 96 18.93 -4.08 0.43
CA ILE A 96 19.42 -5.42 0.56
C ILE A 96 20.45 -5.52 1.71
N LYS A 97 21.31 -4.52 1.82
CA LYS A 97 22.25 -4.44 2.90
C LYS A 97 21.54 -4.41 4.25
N GLN A 98 20.24 -4.07 4.30
CA GLN A 98 19.56 -4.03 5.59
C GLN A 98 18.69 -5.25 5.80
N SER A 99 18.64 -6.11 4.79
CA SER A 99 17.84 -7.31 4.82
C SER A 99 18.57 -8.50 5.36
N GLU A 100 17.83 -9.47 5.85
CA GLU A 100 18.42 -10.65 6.42
C GLU A 100 17.98 -11.78 5.57
N ASN A 101 17.41 -11.46 4.44
CA ASN A 101 17.03 -12.52 3.55
C ASN A 101 17.38 -12.19 2.10
N THR A 102 17.86 -13.16 1.36
CA THR A 102 18.60 -12.86 0.16
C THR A 102 18.03 -13.53 -1.05
N THR A 103 16.76 -13.82 -1.02
CA THR A 103 16.17 -14.54 -2.10
C THR A 103 15.86 -13.59 -3.21
N LEU A 104 15.45 -14.13 -4.33
CA LEU A 104 15.10 -13.36 -5.47
C LEU A 104 13.76 -12.80 -5.24
N VAL A 105 12.96 -13.51 -4.50
CA VAL A 105 11.59 -13.06 -4.30
C VAL A 105 11.70 -11.75 -3.54
N SER A 106 12.57 -11.77 -2.53
CA SER A 106 12.81 -10.64 -1.70
C SER A 106 13.27 -9.45 -2.52
N LEU A 107 14.16 -9.71 -3.47
CA LEU A 107 14.62 -8.66 -4.38
C LEU A 107 13.50 -8.02 -5.22
N GLY A 108 12.58 -8.85 -5.69
CA GLY A 108 11.50 -8.40 -6.57
C GLY A 108 10.51 -7.53 -5.81
N ASN A 109 10.20 -7.96 -4.59
CA ASN A 109 9.38 -7.19 -3.73
C ASN A 109 9.95 -5.80 -3.41
N PHE A 110 11.24 -5.75 -3.01
CA PHE A 110 11.87 -4.44 -2.85
C PHE A 110 11.68 -3.62 -4.11
N ALA A 111 12.05 -4.18 -5.26
CA ALA A 111 12.11 -3.38 -6.44
C ALA A 111 10.67 -2.86 -6.71
N ALA A 112 9.68 -3.68 -6.46
CA ALA A 112 8.36 -3.23 -6.73
C ALA A 112 8.02 -2.05 -5.80
N ARG A 113 8.47 -2.03 -4.57
CA ARG A 113 8.08 -0.94 -3.71
C ARG A 113 8.94 0.30 -3.87
N ILE A 114 10.12 0.12 -4.38
CA ILE A 114 10.94 1.23 -4.79
C ILE A 114 10.21 1.94 -5.94
N ARG A 115 9.75 1.18 -6.91
CA ARG A 115 9.00 1.86 -7.99
C ARG A 115 7.78 2.60 -7.45
N MSE A 116 7.08 2.01 -6.47
CA MSE A 116 5.92 2.77 -6.04
C MSE A 116 6.28 4.04 -5.31
O MSE A 116 5.67 5.07 -5.56
CB MSE A 116 4.85 1.93 -5.36
CG MSE A 116 4.98 1.73 -3.94
SE MSE A 116 4.40 3.26 -2.83
CE MSE A 116 5.36 2.56 -1.27
N SER A 117 7.30 3.99 -4.47
CA SER A 117 7.78 5.18 -3.80
C SER A 117 8.23 6.26 -4.77
N LEU A 118 9.06 5.94 -5.75
CA LEU A 118 9.38 6.93 -6.79
C LEU A 118 8.14 7.41 -7.51
N LEU A 119 7.20 6.50 -7.88
CA LEU A 119 6.01 6.99 -8.61
C LEU A 119 5.31 7.98 -7.75
N TYR A 120 5.18 7.69 -6.45
CA TYR A 120 4.41 8.58 -5.56
C TYR A 120 5.11 9.89 -5.35
N ASP A 121 6.45 9.87 -5.28
CA ASP A 121 7.21 11.08 -5.10
C ASP A 121 7.02 12.01 -6.32
N TYR A 122 7.11 11.43 -7.51
CA TYR A 122 6.91 12.21 -8.72
C TYR A 122 5.48 12.71 -8.84
N SER A 123 4.53 11.89 -8.37
CA SER A 123 3.16 12.33 -8.41
C SER A 123 2.96 13.57 -7.55
N ALA A 124 3.62 13.67 -6.41
CA ALA A 124 3.50 14.92 -5.63
C ALA A 124 4.15 16.09 -6.40
N LEU A 125 5.43 15.96 -6.73
CA LEU A 125 6.10 16.88 -7.66
C LEU A 125 5.16 17.40 -8.76
N LYS A 126 4.54 16.51 -9.52
CA LYS A 126 3.82 16.95 -10.70
C LYS A 126 2.35 17.17 -10.44
N ASN A 127 1.95 17.14 -9.16
CA ASN A 127 0.54 17.30 -8.79
C ASN A 127 -0.32 16.40 -9.67
N SER A 128 -0.05 15.11 -9.57
CA SER A 128 -0.70 14.13 -10.43
C SER A 128 -1.13 12.92 -9.63
N LEU A 129 -1.96 12.06 -10.25
CA LEU A 129 -2.38 10.80 -9.65
C LEU A 129 -1.54 9.65 -10.23
N VAL A 130 -1.39 8.57 -9.49
CA VAL A 130 -0.73 7.40 -10.02
C VAL A 130 -1.73 6.49 -10.66
N ILE A 131 -1.55 6.20 -11.93
CA ILE A 131 -2.48 5.30 -12.61
C ILE A 131 -1.93 3.87 -12.59
N GLY A 132 -2.74 2.91 -12.16
CA GLY A 132 -2.30 1.52 -12.03
C GLY A 132 -2.29 0.86 -13.36
N THR A 133 -1.59 -0.28 -13.47
CA THR A 133 -1.56 -1.04 -14.73
C THR A 133 -1.68 -2.58 -14.54
N SER A 134 -2.41 -2.99 -13.52
CA SER A 134 -2.57 -4.41 -13.30
C SER A 134 -3.80 -4.93 -14.06
N ASN A 135 -3.69 -6.05 -14.76
CA ASN A 135 -4.87 -6.64 -15.41
C ASN A 135 -5.57 -7.63 -14.49
N LYS A 136 -6.82 -8.01 -14.83
CA LYS A 136 -7.68 -8.80 -13.95
C LYS A 136 -7.10 -10.16 -13.63
N SER A 137 -6.37 -10.75 -14.58
CA SER A 137 -5.72 -12.04 -14.34
C SER A 137 -4.69 -11.91 -13.22
N GLU A 138 -3.72 -11.00 -13.40
CA GLU A 138 -2.75 -10.75 -12.33
C GLU A 138 -3.42 -10.28 -11.02
N LEU A 139 -4.53 -9.55 -11.09
CA LEU A 139 -5.24 -9.24 -9.87
C LEU A 139 -5.85 -10.47 -9.19
N LEU A 140 -6.49 -11.36 -9.96
CA LEU A 140 -7.09 -12.55 -9.36
C LEU A 140 -6.03 -13.54 -8.84
N LEU A 141 -4.89 -13.61 -9.50
CA LEU A 141 -3.91 -14.62 -9.17
C LEU A 141 -2.95 -14.15 -8.10
N GLY A 142 -3.07 -12.87 -7.79
CA GLY A 142 -2.11 -12.24 -6.90
C GLY A 142 -0.67 -12.34 -7.35
N TYR A 143 -0.38 -12.07 -8.62
CA TYR A 143 1.04 -11.94 -9.02
C TYR A 143 1.79 -10.76 -8.35
N GLY A 144 1.12 -9.62 -8.27
CA GLY A 144 1.74 -8.41 -7.76
C GLY A 144 2.20 -8.40 -6.31
N THR A 145 2.85 -7.31 -5.95
CA THR A 145 3.39 -7.08 -4.63
C THR A 145 2.52 -6.04 -3.96
N ILE A 146 2.06 -6.34 -2.74
CA ILE A 146 1.18 -5.40 -2.01
C ILE A 146 1.94 -4.13 -1.69
N TYR A 147 1.35 -2.98 -1.97
CA TYR A 147 2.04 -1.74 -1.74
C TYR A 147 3.20 -1.64 -2.72
N GLY A 148 3.15 -2.48 -3.75
CA GLY A 148 4.17 -2.53 -4.77
C GLY A 148 3.52 -2.00 -6.00
N ASP A 149 3.37 -2.88 -6.99
CA ASP A 149 2.66 -2.54 -8.22
C ASP A 149 1.14 -2.59 -8.05
N LEU A 150 0.67 -3.08 -6.91
CA LEU A 150 -0.73 -2.98 -6.56
C LEU A 150 -1.12 -1.59 -6.02
N ALA A 151 -0.16 -0.73 -5.71
CA ALA A 151 -0.48 0.61 -5.19
C ALA A 151 -0.77 1.59 -6.32
N CYS A 152 -1.95 2.21 -6.30
CA CYS A 152 -2.28 3.29 -7.26
C CYS A 152 -3.59 3.98 -6.83
N ALA A 153 -3.88 5.12 -7.46
CA ALA A 153 -5.15 5.82 -7.22
C ALA A 153 -6.27 5.12 -7.94
N PHE A 154 -6.09 4.85 -9.23
CA PHE A 154 -7.09 4.09 -9.99
C PHE A 154 -6.42 3.24 -11.06
N ASN A 155 -7.23 2.51 -11.81
CA ASN A 155 -6.75 1.53 -12.78
C ASN A 155 -7.83 1.26 -13.86
N PRO A 156 -7.59 1.72 -15.09
CA PRO A 156 -8.58 1.52 -16.16
C PRO A 156 -8.70 0.08 -16.67
N ILE A 157 -7.68 -0.74 -16.45
CA ILE A 157 -7.65 -2.00 -17.15
C ILE A 157 -7.72 -3.16 -16.20
N GLY A 158 -8.06 -2.87 -14.95
CA GLY A 158 -8.12 -3.93 -13.94
C GLY A 158 -9.21 -4.98 -14.09
N SER A 159 -10.08 -4.85 -15.09
CA SER A 159 -11.18 -5.81 -15.24
C SER A 159 -11.05 -6.58 -16.55
N LEU A 160 -9.99 -6.29 -17.28
CA LEU A 160 -9.73 -6.96 -18.55
C LEU A 160 -8.78 -8.08 -18.25
N TYR A 161 -9.08 -9.29 -18.72
CA TYR A 161 -8.14 -10.41 -18.61
C TYR A 161 -6.93 -10.19 -19.51
N LYS A 162 -5.85 -10.92 -19.25
CA LYS A 162 -4.64 -10.74 -20.03
C LYS A 162 -5.00 -10.88 -21.51
N SER A 163 -5.80 -11.90 -21.82
CA SER A 163 -6.17 -12.24 -23.16
C SER A 163 -6.89 -11.10 -23.80
N GLU A 164 -7.68 -10.39 -23.02
CA GLU A 164 -8.41 -9.22 -23.50
C GLU A 164 -7.43 -8.06 -23.73
N ILE A 165 -6.44 -7.90 -22.84
CA ILE A 165 -5.40 -6.89 -23.02
C ILE A 165 -4.77 -7.04 -24.39
N TYR A 166 -4.36 -8.25 -24.74
CA TYR A 166 -3.73 -8.47 -26.01
C TYR A 166 -4.65 -7.98 -27.12
N ALA A 167 -5.90 -8.42 -27.08
CA ALA A 167 -6.80 -8.08 -28.15
C ALA A 167 -7.03 -6.59 -28.24
N LEU A 168 -7.09 -5.92 -27.09
CA LEU A 168 -7.35 -4.49 -27.09
C LEU A 168 -6.16 -3.77 -27.68
N ALA A 169 -4.98 -4.21 -27.25
CA ALA A 169 -3.71 -3.63 -27.71
C ALA A 169 -3.61 -3.73 -29.22
N LYS A 170 -4.04 -4.88 -29.77
CA LYS A 170 -4.04 -5.10 -31.21
C LYS A 170 -5.04 -4.15 -31.89
N TYR A 171 -6.19 -3.95 -31.25
CA TYR A 171 -7.16 -2.99 -31.74
C TYR A 171 -6.56 -1.60 -31.82
N LEU A 172 -5.75 -1.22 -30.83
CA LEU A 172 -5.18 0.12 -30.81
C LEU A 172 -3.84 0.22 -31.53
N ASN A 173 -3.47 -0.78 -32.31
CA ASN A 173 -2.20 -0.76 -33.04
C ASN A 173 -0.88 -0.52 -32.26
N LEU A 174 -0.83 -0.95 -31.00
CA LEU A 174 0.42 -0.97 -30.23
C LEU A 174 1.54 -1.66 -30.98
N HIS A 175 2.74 -1.15 -30.82
CA HIS A 175 3.85 -1.72 -31.56
C HIS A 175 3.84 -3.24 -31.43
N GLU A 176 4.27 -3.96 -32.45
CA GLU A 176 4.13 -5.41 -32.43
C GLU A 176 4.92 -6.13 -31.35
N ASN A 177 6.04 -5.53 -30.91
CA ASN A 177 6.87 -6.14 -29.90
C ASN A 177 6.09 -6.36 -28.62
N PHE A 178 5.10 -5.51 -28.36
CA PHE A 178 4.24 -5.73 -27.21
C PHE A 178 3.40 -7.00 -27.34
N ILE A 179 2.87 -7.24 -28.55
CA ILE A 179 1.96 -8.34 -28.85
C ILE A 179 2.73 -9.64 -28.95
N LYS A 180 3.82 -9.61 -29.70
CA LYS A 180 4.73 -10.75 -29.85
C LYS A 180 5.03 -11.37 -28.48
N LYS A 181 5.75 -10.62 -27.64
CA LYS A 181 6.14 -11.05 -26.27
C LYS A 181 5.11 -10.63 -25.20
N PHE A 199 -10.20 -12.60 -31.31
CA PHE A 199 -9.18 -13.09 -30.37
C PHE A 199 -9.60 -14.40 -29.65
N SER A 200 -8.68 -14.97 -28.87
CA SER A 200 -8.96 -16.17 -28.07
C SER A 200 -8.44 -16.02 -26.63
N TYR A 201 -9.16 -16.60 -25.67
CA TYR A 201 -8.73 -16.68 -24.27
C TYR A 201 -7.71 -17.81 -24.04
N THR A 202 -6.66 -17.57 -23.26
CA THR A 202 -5.77 -18.65 -22.85
C THR A 202 -6.51 -19.58 -21.89
N LYS A 203 -5.93 -20.75 -21.61
CA LYS A 203 -6.56 -21.74 -20.75
C LYS A 203 -6.77 -21.18 -19.35
N ILE A 204 -5.74 -20.49 -18.85
CA ILE A 204 -5.79 -19.82 -17.55
C ILE A 204 -6.91 -18.79 -17.50
N ASP A 205 -6.96 -17.90 -18.48
CA ASP A 205 -7.97 -16.86 -18.47
C ASP A 205 -9.38 -17.46 -18.54
N GLU A 206 -9.53 -18.57 -19.26
CA GLU A 206 -10.86 -19.12 -19.44
C GLU A 206 -11.36 -19.75 -18.16
N GLY A 207 -10.47 -20.43 -17.45
CA GLY A 207 -10.76 -20.99 -16.14
C GLY A 207 -11.10 -19.93 -15.12
N LEU A 208 -10.31 -18.84 -15.14
CA LEU A 208 -10.54 -17.67 -14.28
C LEU A 208 -11.90 -17.06 -14.54
N LYS A 209 -12.22 -16.88 -15.82
CA LYS A 209 -13.48 -16.29 -16.23
C LYS A 209 -14.66 -17.23 -15.87
N ALA A 210 -14.51 -18.52 -16.14
CA ALA A 210 -15.54 -19.49 -15.75
C ALA A 210 -15.85 -19.48 -14.26
N LEU A 211 -14.82 -19.41 -13.42
CA LEU A 211 -14.97 -19.41 -11.97
C LEU A 211 -15.68 -18.15 -11.49
N GLU A 212 -15.24 -17.01 -12.03
CA GLU A 212 -15.76 -15.70 -11.66
C GLU A 212 -17.21 -15.54 -12.01
N THR A 213 -17.63 -16.08 -13.17
CA THR A 213 -19.00 -15.91 -13.62
C THR A 213 -19.85 -17.15 -13.37
N ASN A 214 -19.38 -18.01 -12.47
CA ASN A 214 -20.08 -19.27 -12.14
C ASN A 214 -20.71 -19.98 -13.32
N ASP A 215 -19.97 -20.04 -14.43
CA ASP A 215 -20.34 -20.80 -15.62
C ASP A 215 -20.18 -22.31 -15.40
N GLU A 216 -21.00 -22.88 -14.51
CA GLU A 216 -20.95 -24.30 -14.13
C GLU A 216 -20.89 -25.20 -15.36
N LYS A 217 -21.30 -24.62 -16.49
CA LYS A 217 -21.40 -25.31 -17.77
C LYS A 217 -20.04 -25.52 -18.44
N LEU A 218 -19.22 -24.48 -18.44
CA LEU A 218 -17.89 -24.56 -19.03
C LEU A 218 -16.93 -25.26 -18.08
N LEU A 219 -17.14 -25.01 -16.79
CA LEU A 219 -16.38 -25.63 -15.71
C LEU A 219 -16.17 -27.15 -15.85
N ARG A 220 -17.23 -27.91 -16.17
CA ARG A 220 -17.11 -29.36 -16.35
C ARG A 220 -16.24 -29.69 -17.56
N THR A 221 -16.29 -28.84 -18.57
CA THR A 221 -15.44 -28.92 -19.74
C THR A 221 -13.95 -28.93 -19.35
N LEU A 222 -13.59 -28.22 -18.30
CA LEU A 222 -12.20 -27.87 -18.09
C LEU A 222 -11.40 -28.85 -17.29
N ASP A 223 -10.07 -28.68 -17.29
CA ASP A 223 -9.22 -29.61 -16.60
C ASP A 223 -9.22 -29.37 -15.08
N PRO A 224 -9.59 -30.40 -14.29
CA PRO A 224 -9.74 -30.27 -12.84
C PRO A 224 -8.48 -29.79 -12.10
N SER A 225 -7.32 -30.33 -12.48
CA SER A 225 -6.05 -29.93 -11.88
C SER A 225 -5.78 -28.44 -12.03
N LEU A 226 -6.10 -27.90 -13.21
CA LEU A 226 -6.00 -26.48 -13.49
C LEU A 226 -6.87 -25.69 -12.55
N ILE A 227 -8.15 -25.99 -12.56
CA ILE A 227 -9.12 -25.34 -11.70
C ILE A 227 -8.70 -25.38 -10.25
N ALA A 228 -8.16 -26.52 -9.81
CA ALA A 228 -7.74 -26.68 -8.40
C ALA A 228 -6.67 -25.67 -8.05
N MSE A 229 -5.78 -25.39 -9.00
CA MSE A 229 -4.75 -24.40 -8.80
C MSE A 229 -5.19 -22.97 -8.92
O MSE A 229 -4.68 -22.11 -8.20
CB MSE A 229 -3.67 -24.60 -9.80
CG MSE A 229 -3.01 -25.93 -9.68
SE MSE A 229 -1.54 -25.90 -10.98
CE MSE A 229 -0.20 -24.80 -10.11
N LEU A 230 -6.08 -22.70 -9.88
CA LEU A 230 -6.63 -21.39 -10.02
C LEU A 230 -7.35 -21.04 -8.72
N LYS A 231 -8.14 -22.00 -8.19
CA LYS A 231 -8.83 -21.82 -6.92
C LYS A 231 -7.84 -21.67 -5.80
N ASN A 232 -6.83 -22.53 -5.76
CA ASN A 232 -5.80 -22.41 -4.74
C ASN A 232 -5.15 -21.01 -4.68
N ARG A 233 -4.81 -20.44 -5.84
CA ARG A 233 -4.20 -19.11 -5.91
C ARG A 233 -5.13 -18.01 -5.40
N MSE A 234 -6.33 -17.92 -5.97
CA MSE A 234 -7.17 -16.78 -5.66
C MSE A 234 -7.53 -16.77 -4.19
O MSE A 234 -7.67 -15.72 -3.59
CB MSE A 234 -8.41 -16.79 -6.54
CG MSE A 234 -8.11 -17.19 -7.95
SE MSE A 234 -9.70 -17.45 -9.08
CE MSE A 234 -11.03 -18.20 -7.77
N GLN A 235 -7.68 -17.97 -3.63
CA GLN A 235 -8.03 -18.15 -2.23
C GLN A 235 -6.91 -17.57 -1.34
N LYS A 236 -5.68 -18.05 -1.53
CA LYS A 236 -4.58 -17.66 -0.65
C LYS A 236 -4.11 -16.19 -0.83
N ASN A 237 -4.49 -15.55 -1.93
CA ASN A 237 -4.07 -14.16 -2.22
C ASN A 237 -5.23 -13.17 -2.31
N ALA A 238 -6.33 -13.48 -1.64
CA ALA A 238 -7.50 -12.59 -1.64
C ALA A 238 -7.29 -11.34 -0.78
N PHE A 239 -6.43 -11.48 0.22
CA PHE A 239 -6.13 -10.40 1.15
C PHE A 239 -5.49 -9.18 0.47
N LYS A 240 -4.95 -9.37 -0.74
CA LYS A 240 -4.30 -8.30 -1.48
C LYS A 240 -5.33 -7.27 -1.99
N GLY A 241 -6.52 -7.76 -2.32
CA GLY A 241 -7.61 -6.89 -2.76
C GLY A 241 -8.42 -6.23 -1.65
N LYS A 242 -7.98 -6.43 -0.41
CA LYS A 242 -8.72 -5.95 0.77
C LYS A 242 -7.91 -4.95 1.61
N MSE A 243 -8.60 -3.98 2.22
CA MSE A 243 -8.01 -3.06 3.20
C MSE A 243 -7.58 -3.79 4.48
O MSE A 243 -8.03 -4.90 4.74
CB MSE A 243 -9.02 -1.98 3.59
CG MSE A 243 -9.33 -0.95 2.52
SE MSE A 243 -7.87 0.36 2.20
CE MSE A 243 -7.70 1.21 3.98
N PRO A 244 -6.70 -3.17 5.29
CA PRO A 244 -6.43 -3.76 6.59
C PRO A 244 -7.69 -3.82 7.43
N GLU A 245 -7.87 -4.94 8.14
CA GLU A 245 -9.00 -5.07 9.05
C GLU A 245 -8.74 -4.40 10.40
N ILE A 246 -9.53 -3.38 10.70
CA ILE A 246 -9.48 -2.67 11.96
C ILE A 246 -10.47 -3.32 12.92
N LEU A 247 -10.05 -3.66 14.13
CA LEU A 247 -10.97 -4.12 15.16
C LEU A 247 -11.95 -3.03 15.62
N GLU A 248 -13.20 -3.43 15.87
CA GLU A 248 -14.24 -2.55 16.43
C GLU A 248 -14.62 -2.87 17.88
N MSE B 4 -14.87 3.48 30.58
CA MSE B 4 -14.97 2.20 29.78
C MSE B 4 -14.03 1.06 30.22
O MSE B 4 -13.05 1.28 30.91
CB MSE B 4 -14.86 2.42 28.26
CG MSE B 4 -13.71 3.31 27.82
SE MSE B 4 -13.69 3.69 25.87
CE MSE B 4 -15.62 4.10 25.62
N ASP B 5 -14.37 -0.15 29.78
CA ASP B 5 -13.91 -1.40 30.39
C ASP B 5 -12.64 -1.96 29.75
N TRP B 6 -11.49 -1.53 30.25
CA TRP B 6 -10.21 -1.85 29.64
C TRP B 6 -9.86 -3.32 29.68
N GLN B 7 -10.19 -3.97 30.78
CA GLN B 7 -9.93 -5.39 30.95
C GLN B 7 -10.63 -6.15 29.83
N LYS B 8 -11.86 -5.76 29.53
CA LYS B 8 -12.63 -6.46 28.50
C LYS B 8 -12.11 -6.08 27.13
N ILE B 9 -11.75 -4.82 26.95
CA ILE B 9 -11.17 -4.32 25.70
C ILE B 9 -9.82 -5.03 25.38
N THR B 10 -8.99 -5.19 26.41
CA THR B 10 -7.73 -5.86 26.28
C THR B 10 -7.94 -7.27 25.77
N GLU B 11 -8.80 -8.01 26.45
CA GLU B 11 -9.02 -9.41 26.12
C GLU B 11 -9.63 -9.54 24.72
N LYS B 12 -10.45 -8.58 24.31
CA LYS B 12 -11.03 -8.60 22.99
C LYS B 12 -9.94 -8.48 21.93
N MSE B 13 -8.95 -7.63 22.22
CA MSE B 13 -7.89 -7.35 21.27
C MSE B 13 -6.95 -8.51 21.13
O MSE B 13 -6.51 -8.82 20.03
CB MSE B 13 -7.13 -6.12 21.70
CG MSE B 13 -7.94 -4.90 21.48
SE MSE B 13 -7.00 -3.34 22.08
CE MSE B 13 -7.97 -1.92 21.14
N CYS B 14 -6.64 -9.16 22.25
CA CYS B 14 -5.79 -10.34 22.22
C CYS B 14 -6.43 -11.46 21.43
N ASP B 15 -7.73 -11.68 21.64
CA ASP B 15 -8.48 -12.65 20.85
C ASP B 15 -8.30 -12.36 19.38
N PHE B 16 -8.56 -11.10 19.02
CA PHE B 16 -8.46 -10.63 17.65
C PHE B 16 -7.10 -10.95 17.03
N ILE B 17 -6.04 -10.60 17.75
CA ILE B 17 -4.68 -10.84 17.30
C ILE B 17 -4.45 -12.34 17.11
N GLN B 18 -4.82 -13.15 18.10
CA GLN B 18 -4.71 -14.62 18.00
C GLN B 18 -5.50 -15.18 16.85
N GLU B 19 -6.69 -14.63 16.62
CA GLU B 19 -7.58 -15.04 15.53
C GLU B 19 -6.99 -14.78 14.15
N LYS B 20 -6.17 -13.74 14.00
CA LYS B 20 -5.58 -13.45 12.69
C LYS B 20 -4.42 -14.38 12.33
N VAL B 21 -3.71 -14.82 13.36
CA VAL B 21 -2.56 -15.64 13.17
C VAL B 21 -2.98 -17.12 13.01
N LYS B 22 -3.97 -17.53 13.79
CA LYS B 22 -4.51 -18.87 13.65
C LYS B 22 -5.12 -19.04 12.26
N ASN B 23 -5.90 -18.05 11.81
CA ASN B 23 -6.60 -18.16 10.52
C ASN B 23 -5.71 -17.87 9.36
N SER B 24 -4.42 -17.77 9.65
CA SER B 24 -3.46 -17.50 8.61
C SER B 24 -2.41 -18.61 8.48
N GLN B 25 -1.74 -18.60 7.32
CA GLN B 25 -0.58 -19.47 7.12
C GLN B 25 0.58 -18.99 7.99
N SER B 26 0.53 -17.74 8.44
CA SER B 26 1.58 -17.12 9.27
C SER B 26 1.71 -17.68 10.70
N GLN B 27 2.94 -17.69 11.22
CA GLN B 27 3.27 -18.14 12.56
C GLN B 27 3.18 -17.02 13.63
N GLY B 28 3.15 -15.75 13.20
CA GLY B 28 3.22 -14.60 14.12
C GLY B 28 3.14 -13.24 13.47
N VAL B 29 3.51 -12.18 14.19
CA VAL B 29 3.48 -10.82 13.59
C VAL B 29 4.77 -10.08 13.66
N VAL B 30 4.85 -9.01 12.90
CA VAL B 30 5.98 -8.11 13.04
C VAL B 30 5.43 -6.68 13.01
N LEU B 31 6.02 -5.79 13.82
CA LEU B 31 5.61 -4.40 13.81
C LEU B 31 6.80 -3.48 13.77
N GLY B 32 6.56 -2.25 13.32
CA GLY B 32 7.52 -1.15 13.44
C GLY B 32 7.43 -0.57 14.84
N LEU B 33 8.55 -0.25 15.47
CA LEU B 33 8.51 0.28 16.83
C LEU B 33 9.35 1.54 16.90
N SER B 34 8.69 2.68 16.96
CA SER B 34 9.37 3.96 16.83
C SER B 34 9.76 4.62 18.16
N GLY B 35 9.19 4.16 19.28
CA GLY B 35 9.31 4.85 20.57
C GLY B 35 8.01 5.59 20.96
N GLY B 36 6.97 5.52 20.12
CA GLY B 36 5.71 6.20 20.44
C GLY B 36 4.75 5.33 21.22
N ILE B 37 3.74 5.96 21.84
CA ILE B 37 2.79 5.20 22.64
C ILE B 37 2.00 4.13 21.87
N ASP B 38 1.56 4.40 20.63
CA ASP B 38 0.73 3.43 19.90
C ASP B 38 1.47 2.12 19.76
N SER B 39 2.60 2.27 19.11
CA SER B 39 3.55 1.25 18.87
C SER B 39 3.79 0.39 20.12
N ALA B 40 4.13 1.04 21.22
CA ALA B 40 4.56 0.35 22.39
C ALA B 40 3.35 -0.45 22.93
N LEU B 41 2.19 0.21 22.89
CA LEU B 41 0.94 -0.41 23.21
C LEU B 41 0.72 -1.64 22.36
N VAL B 42 0.83 -1.50 21.05
CA VAL B 42 0.60 -2.70 20.24
C VAL B 42 1.63 -3.78 20.53
N ALA B 43 2.88 -3.41 20.79
CA ALA B 43 3.86 -4.44 21.08
C ALA B 43 3.52 -5.13 22.39
N THR B 44 2.95 -4.38 23.33
CA THR B 44 2.59 -4.97 24.61
C THR B 44 1.47 -5.96 24.39
N LEU B 45 0.48 -5.59 23.61
CA LEU B 45 -0.62 -6.52 23.41
C LEU B 45 -0.15 -7.78 22.71
N CYS B 46 0.69 -7.61 21.68
CA CYS B 46 1.17 -8.74 20.93
C CYS B 46 1.92 -9.79 21.76
N LYS B 47 2.80 -9.34 22.63
CA LYS B 47 3.50 -10.27 23.51
C LYS B 47 2.54 -10.99 24.42
N ARG B 48 1.49 -10.32 24.93
CA ARG B 48 0.47 -11.03 25.76
C ARG B 48 -0.27 -12.07 24.94
N ALA B 49 -0.58 -11.72 23.70
CA ALA B 49 -1.39 -12.54 22.85
C ALA B 49 -0.62 -13.69 22.21
N LEU B 50 0.64 -13.47 21.82
CA LEU B 50 1.39 -14.43 21.00
C LEU B 50 2.71 -14.96 21.58
N LYS B 51 3.07 -14.53 22.78
CA LYS B 51 4.33 -14.93 23.42
C LYS B 51 5.52 -14.74 22.47
N GLU B 52 6.18 -15.84 22.08
CA GLU B 52 7.47 -15.77 21.36
C GLU B 52 7.34 -15.35 19.90
N ASN B 53 6.12 -15.38 19.35
CA ASN B 53 5.89 -15.17 17.94
C ASN B 53 5.74 -13.70 17.51
N VAL B 54 6.59 -12.84 18.09
CA VAL B 54 6.48 -11.43 17.83
C VAL B 54 7.87 -10.91 17.51
N PHE B 55 7.96 -9.98 16.56
CA PHE B 55 9.22 -9.40 16.17
C PHE B 55 9.08 -7.91 15.84
N ALA B 56 10.01 -7.10 16.28
CA ALA B 56 9.91 -5.67 16.02
C ALA B 56 11.11 -5.13 15.21
N LEU B 57 10.87 -4.13 14.37
CA LEU B 57 11.96 -3.41 13.69
C LEU B 57 11.93 -2.01 14.20
N LEU B 58 13.08 -1.52 14.61
CA LEU B 58 13.23 -0.18 15.05
C LEU B 58 14.01 0.53 13.99
N MSE B 59 13.37 1.44 13.28
CA MSE B 59 13.97 2.10 12.13
C MSE B 59 14.13 3.61 12.24
O MSE B 59 13.53 4.37 11.50
CB MSE B 59 13.14 1.76 10.92
CG MSE B 59 13.23 0.31 10.65
SE MSE B 59 11.63 -0.37 9.83
CE MSE B 59 10.24 -0.06 11.14
N PRO B 60 14.96 4.06 13.13
CA PRO B 60 15.13 5.49 13.11
C PRO B 60 15.94 5.91 11.87
N THR B 61 15.85 7.19 11.47
CA THR B 61 16.61 7.65 10.34
C THR B 61 18.04 7.93 10.73
N GLN B 62 18.27 8.30 11.97
CA GLN B 62 19.59 8.55 12.45
C GLN B 62 19.69 8.10 13.87
N ILE B 63 20.89 7.68 14.28
CA ILE B 63 21.12 7.22 15.65
C ILE B 63 22.24 8.01 16.31
N SER B 64 21.91 8.73 17.36
CA SER B 64 22.89 9.53 18.08
C SER B 64 22.62 9.52 19.59
N ASN B 65 21.47 10.08 19.97
CA ASN B 65 21.09 10.15 21.37
C ASN B 65 19.63 10.58 21.55
N LYS B 66 18.74 9.98 20.76
CA LYS B 66 17.34 10.30 20.84
C LYS B 66 16.62 9.51 21.85
N ALA B 67 15.82 10.19 22.65
CA ALA B 67 15.04 9.50 23.70
C ALA B 67 14.11 8.41 23.16
N ASN B 68 13.54 8.60 21.95
CA ASN B 68 12.71 7.60 21.29
C ASN B 68 13.33 6.21 21.25
N LEU B 69 14.61 6.14 20.85
CA LEU B 69 15.37 4.89 20.81
C LEU B 69 15.51 4.33 22.22
N GLU B 70 15.93 5.15 23.17
CA GLU B 70 16.06 4.68 24.55
C GLU B 70 14.77 4.00 24.97
N ASP B 71 13.66 4.70 24.77
CA ASP B 71 12.38 4.18 25.21
C ASP B 71 12.00 2.88 24.48
N ALA B 72 12.26 2.81 23.17
CA ALA B 72 11.91 1.65 22.39
C ALA B 72 12.73 0.44 22.83
N LEU B 73 14.03 0.66 23.03
CA LEU B 73 14.89 -0.42 23.49
C LEU B 73 14.51 -0.84 24.91
N ARG B 74 14.14 0.13 25.76
CA ARG B 74 13.88 -0.24 27.14
C ARG B 74 12.70 -1.20 27.09
N LEU B 75 11.76 -0.93 26.17
CA LEU B 75 10.54 -1.75 26.03
C LEU B 75 10.88 -3.16 25.57
N CYS B 76 11.64 -3.25 24.48
CA CYS B 76 12.03 -4.56 23.95
C CYS B 76 12.65 -5.44 25.01
N ALA B 77 13.52 -4.87 25.83
CA ALA B 77 14.21 -5.68 26.82
C ALA B 77 13.17 -6.09 27.82
N ASP B 78 12.37 -5.13 28.26
CA ASP B 78 11.39 -5.41 29.28
C ASP B 78 10.34 -6.44 28.85
N LEU B 79 9.93 -6.42 27.58
CA LEU B 79 8.94 -7.39 27.13
C LEU B 79 9.55 -8.67 26.68
N ASN B 80 10.87 -8.76 26.58
CA ASN B 80 11.54 -9.92 25.98
C ASN B 80 11.10 -10.11 24.53
N LEU B 81 11.06 -9.00 23.81
CA LEU B 81 10.62 -8.93 22.43
C LEU B 81 11.84 -8.98 21.53
N GLU B 82 11.81 -9.79 20.49
CA GLU B 82 12.95 -9.96 19.58
C GLU B 82 12.82 -8.83 18.58
N TYR B 83 13.94 -8.26 18.18
CA TYR B 83 13.87 -7.04 17.41
C TYR B 83 15.17 -6.85 16.69
N LYS B 84 15.20 -5.85 15.81
CA LYS B 84 16.40 -5.42 15.14
C LYS B 84 16.35 -3.92 14.87
N ILE B 85 17.47 -3.26 15.09
CA ILE B 85 17.51 -1.81 14.87
C ILE B 85 17.97 -1.67 13.43
N ILE B 86 17.24 -0.90 12.62
CA ILE B 86 17.75 -0.63 11.27
C ILE B 86 17.76 0.86 11.00
N GLU B 87 18.94 1.45 10.89
CA GLU B 87 19.09 2.85 10.66
C GLU B 87 18.95 3.06 9.18
N ILE B 88 17.95 3.83 8.77
CA ILE B 88 17.53 3.92 7.37
C ILE B 88 18.07 5.07 6.56
N GLN B 89 18.93 5.93 7.14
CA GLN B 89 19.36 7.12 6.42
C GLN B 89 20.06 6.77 5.12
N SER B 90 20.71 5.61 5.06
CA SER B 90 21.28 5.24 3.73
C SER B 90 20.28 4.95 2.65
N ILE B 91 19.28 4.17 2.95
CA ILE B 91 18.28 3.89 1.94
C ILE B 91 17.73 5.23 1.54
N LEU B 92 17.44 6.07 2.56
CA LEU B 92 16.87 7.41 2.33
C LEU B 92 17.73 8.28 1.44
N ASP B 93 19.02 8.32 1.67
CA ASP B 93 19.86 9.06 0.75
C ASP B 93 19.72 8.55 -0.67
N ALA B 94 19.46 7.24 -0.83
CA ALA B 94 19.50 6.68 -2.17
C ALA B 94 18.27 7.14 -2.94
N PHE B 95 17.13 7.20 -2.26
CA PHE B 95 15.94 7.78 -2.87
C PHE B 95 16.10 9.28 -3.25
N ILE B 96 16.65 10.06 -2.33
CA ILE B 96 16.60 11.49 -2.41
C ILE B 96 17.38 11.83 -3.65
N LYS B 97 18.38 11.01 -3.92
CA LYS B 97 19.25 11.24 -5.06
C LYS B 97 18.50 11.05 -6.36
N GLN B 98 17.35 10.40 -6.31
CA GLN B 98 16.62 10.20 -7.52
C GLN B 98 15.39 11.08 -7.58
N SER B 99 15.25 11.93 -6.55
CA SER B 99 14.07 12.78 -6.39
C SER B 99 14.34 14.19 -6.94
N GLU B 100 13.31 14.85 -7.40
CA GLU B 100 13.47 16.14 -7.96
C GLU B 100 12.78 17.13 -7.07
N ASN B 101 12.23 16.65 -5.99
CA ASN B 101 11.58 17.58 -5.11
C ASN B 101 11.94 17.49 -3.65
N THR B 102 12.96 18.21 -3.24
CA THR B 102 13.36 18.29 -1.86
C THR B 102 12.32 18.95 -0.97
N THR B 103 11.75 18.22 -0.03
CA THR B 103 10.81 18.83 0.88
C THR B 103 10.51 17.99 2.08
N LEU B 104 10.66 18.59 3.26
CA LEU B 104 10.40 17.91 4.52
C LEU B 104 9.30 16.86 4.40
N VAL B 105 8.26 17.18 3.63
CA VAL B 105 7.16 16.26 3.41
C VAL B 105 7.58 15.09 2.51
N SER B 106 8.44 15.39 1.54
CA SER B 106 8.92 14.40 0.64
C SER B 106 9.78 13.42 1.37
N LEU B 107 10.66 13.91 2.22
CA LEU B 107 11.47 13.00 3.02
C LEU B 107 10.65 12.05 3.89
N GLY B 108 9.63 12.60 4.55
CA GLY B 108 8.92 11.84 5.57
C GLY B 108 8.21 10.72 4.88
N ASN B 109 7.71 11.00 3.69
CA ASN B 109 6.99 10.00 2.97
C ASN B 109 7.90 8.83 2.54
N PHE B 110 9.09 9.17 2.04
CA PHE B 110 10.06 8.15 1.70
C PHE B 110 10.32 7.37 2.97
N ALA B 111 10.63 8.08 4.05
CA ALA B 111 10.91 7.36 5.28
C ALA B 111 9.79 6.38 5.62
N ALA B 112 8.55 6.82 5.52
CA ALA B 112 7.48 5.89 5.89
C ALA B 112 7.46 4.68 4.98
N ARG B 113 7.74 4.85 3.70
CA ARG B 113 7.61 3.78 2.78
C ARG B 113 8.81 2.84 2.81
N ILE B 114 9.93 3.37 3.28
CA ILE B 114 11.11 2.56 3.55
C ILE B 114 10.79 1.61 4.70
N ARG B 115 10.22 2.16 5.76
CA ARG B 115 9.86 1.31 6.88
C ARG B 115 8.87 0.23 6.47
N MSE B 116 7.92 0.58 5.61
CA MSE B 116 6.96 -0.46 5.29
C MSE B 116 7.62 -1.52 4.43
O MSE B 116 7.31 -2.69 4.59
CB MSE B 116 5.59 0.02 4.77
CG MSE B 116 5.51 0.30 3.31
SE MSE B 116 5.40 -1.30 2.16
CE MSE B 116 6.04 -0.44 0.55
N SER B 117 8.55 -1.12 3.57
CA SER B 117 9.25 -2.14 2.77
C SER B 117 10.06 -3.09 3.63
N LEU B 118 10.79 -2.56 4.62
CA LEU B 118 11.55 -3.45 5.50
C LEU B 118 10.60 -4.26 6.31
N LEU B 119 9.50 -3.70 6.80
CA LEU B 119 8.57 -4.54 7.55
C LEU B 119 8.11 -5.69 6.66
N TYR B 120 7.74 -5.38 5.43
CA TYR B 120 7.20 -6.43 4.61
C TYR B 120 8.23 -7.51 4.27
N ASP B 121 9.47 -7.10 4.06
CA ASP B 121 10.56 -8.03 3.85
C ASP B 121 10.80 -8.96 5.08
N TYR B 122 10.90 -8.39 6.27
CA TYR B 122 11.08 -9.22 7.44
C TYR B 122 9.87 -10.12 7.68
N SER B 123 8.67 -9.64 7.37
CA SER B 123 7.51 -10.49 7.54
C SER B 123 7.59 -11.72 6.65
N ALA B 124 8.11 -11.59 5.42
CA ALA B 124 8.28 -12.78 4.61
C ALA B 124 9.30 -13.71 5.29
N LEU B 125 10.48 -13.17 5.59
CA LEU B 125 11.52 -13.89 6.32
C LEU B 125 10.99 -14.65 7.50
N LYS B 126 10.15 -14.04 8.31
CA LYS B 126 9.73 -14.71 9.53
C LYS B 126 8.39 -15.37 9.39
N ASN B 127 7.87 -15.45 8.17
CA ASN B 127 6.57 -16.05 7.94
C ASN B 127 5.58 -15.47 8.94
N SER B 128 5.34 -14.17 8.79
CA SER B 128 4.50 -13.41 9.72
C SER B 128 3.63 -12.40 9.01
N LEU B 129 2.68 -11.84 9.77
CA LEU B 129 1.84 -10.76 9.28
C LEU B 129 2.32 -9.40 9.86
N VAL B 130 2.07 -8.29 9.16
CA VAL B 130 2.48 -7.02 9.74
C VAL B 130 1.31 -6.37 10.39
N ILE B 131 1.48 -6.12 11.67
CA ILE B 131 0.39 -5.59 12.47
C ILE B 131 0.52 -4.06 12.51
N GLY B 132 -0.57 -3.38 12.22
CA GLY B 132 -0.50 -1.92 12.11
C GLY B 132 -0.62 -1.25 13.45
N THR B 133 -0.32 0.04 13.50
CA THR B 133 -0.41 0.74 14.78
C THR B 133 -1.02 2.15 14.71
N SER B 134 -1.95 2.36 13.78
CA SER B 134 -2.57 3.67 13.63
C SER B 134 -3.81 3.72 14.52
N ASN B 135 -4.00 4.83 15.24
CA ASN B 135 -5.20 5.00 16.04
C ASN B 135 -6.24 5.73 15.24
N LYS B 136 -7.50 5.66 15.68
CA LYS B 136 -8.61 6.21 14.91
C LYS B 136 -8.45 7.69 14.57
N SER B 137 -7.90 8.47 15.50
CA SER B 137 -7.70 9.89 15.28
C SER B 137 -6.75 10.06 14.11
N GLU B 138 -5.59 9.43 14.15
CA GLU B 138 -4.74 9.59 13.02
C GLU B 138 -5.38 9.07 11.73
N LEU B 139 -6.21 8.03 11.84
CA LEU B 139 -6.90 7.51 10.66
C LEU B 139 -7.86 8.51 10.06
N LEU B 140 -8.67 9.14 10.89
CA LEU B 140 -9.65 10.11 10.42
C LEU B 140 -9.00 11.37 9.88
N LEU B 141 -7.95 11.83 10.54
CA LEU B 141 -7.30 13.06 10.12
C LEU B 141 -6.34 12.93 8.95
N GLY B 142 -6.07 11.70 8.52
CA GLY B 142 -5.15 11.47 7.43
C GLY B 142 -3.72 11.95 7.70
N TYR B 143 -3.22 11.75 8.92
CA TYR B 143 -1.81 12.08 9.19
C TYR B 143 -0.83 11.17 8.39
N GLY B 144 -1.11 9.86 8.38
CA GLY B 144 -0.22 8.89 7.77
C GLY B 144 0.10 9.04 6.31
N THR B 145 1.06 8.24 5.84
CA THR B 145 1.44 8.12 4.44
C THR B 145 0.78 6.88 3.82
N ILE B 146 0.14 7.05 2.66
CA ILE B 146 -0.44 5.89 2.00
C ILE B 146 0.66 4.94 1.61
N TYR B 147 0.45 3.64 1.85
CA TYR B 147 1.44 2.63 1.52
C TYR B 147 2.72 2.84 2.33
N GLY B 148 2.63 3.67 3.38
CA GLY B 148 3.70 3.89 4.33
C GLY B 148 3.26 3.26 5.64
N ASP B 149 3.00 4.06 6.67
CA ASP B 149 2.50 3.54 7.96
C ASP B 149 1.02 3.15 7.93
N LEU B 150 0.35 3.45 6.83
CA LEU B 150 -1.01 2.95 6.63
C LEU B 150 -1.04 1.47 6.15
N ALA B 151 0.09 0.92 5.73
CA ALA B 151 0.12 -0.42 5.14
C ALA B 151 0.30 -1.48 6.21
N CYS B 152 -0.65 -2.39 6.32
CA CYS B 152 -0.53 -3.51 7.23
C CYS B 152 -1.57 -4.57 6.89
N ALA B 153 -1.47 -5.77 7.46
CA ALA B 153 -2.49 -6.81 7.32
C ALA B 153 -3.74 -6.50 8.15
N PHE B 154 -3.53 -6.12 9.41
CA PHE B 154 -4.60 -5.77 10.31
C PHE B 154 -4.12 -4.83 11.39
N ASN B 155 -5.06 -4.36 12.21
CA ASN B 155 -4.77 -3.31 13.16
C ASN B 155 -5.76 -3.40 14.32
N PRO B 156 -5.28 -3.75 15.52
CA PRO B 156 -6.15 -3.90 16.68
C PRO B 156 -6.60 -2.59 17.31
N ILE B 157 -5.88 -1.50 17.06
CA ILE B 157 -6.18 -0.29 17.79
C ILE B 157 -6.76 0.80 16.92
N GLY B 158 -7.07 0.48 15.66
CA GLY B 158 -7.56 1.49 14.73
C GLY B 158 -8.91 2.11 15.05
N SER B 159 -9.55 1.72 16.15
CA SER B 159 -10.87 2.28 16.43
C SER B 159 -10.85 3.01 17.75
N LEU B 160 -9.68 3.07 18.35
CA LEU B 160 -9.51 3.76 19.60
C LEU B 160 -8.97 5.14 19.28
N TYR B 161 -9.57 6.20 19.84
CA TYR B 161 -9.01 7.55 19.66
C TYR B 161 -7.70 7.72 20.46
N LYS B 162 -6.93 8.74 20.10
CA LYS B 162 -5.68 8.99 20.80
C LYS B 162 -5.89 9.03 22.31
N SER B 163 -6.89 9.78 22.75
CA SER B 163 -7.21 9.90 24.15
C SER B 163 -7.51 8.55 24.76
N GLU B 164 -8.11 7.64 23.99
CA GLU B 164 -8.38 6.27 24.49
C GLU B 164 -7.10 5.45 24.55
N ILE B 165 -6.23 5.64 23.57
CA ILE B 165 -4.92 5.01 23.61
C ILE B 165 -4.24 5.35 24.93
N TYR B 166 -4.17 6.62 25.29
CA TYR B 166 -3.49 7.02 26.52
C TYR B 166 -4.07 6.29 27.71
N ALA B 167 -5.40 6.30 27.81
CA ALA B 167 -6.04 5.64 28.94
C ALA B 167 -5.76 4.13 28.96
N LEU B 168 -5.77 3.50 27.79
CA LEU B 168 -5.60 2.06 27.76
C LEU B 168 -4.18 1.71 28.20
N ALA B 169 -3.22 2.45 27.64
CA ALA B 169 -1.83 2.42 28.00
C ALA B 169 -1.61 2.52 29.51
N LYS B 170 -2.30 3.47 30.13
CA LYS B 170 -2.23 3.65 31.57
C LYS B 170 -2.81 2.45 32.28
N TYR B 171 -3.89 1.88 31.74
CA TYR B 171 -4.44 0.64 32.27
C TYR B 171 -3.44 -0.48 32.20
N LEU B 172 -2.76 -0.62 31.08
CA LEU B 172 -1.77 -1.69 30.98
C LEU B 172 -0.39 -1.42 31.63
N ASN B 173 -0.25 -0.31 32.37
CA ASN B 173 1.03 0.06 33.01
C ASN B 173 2.25 0.22 32.09
N LEU B 174 2.05 0.65 30.84
CA LEU B 174 3.14 1.02 29.96
C LEU B 174 4.05 2.00 30.66
N HIS B 175 5.34 1.89 30.40
CA HIS B 175 6.32 2.77 31.02
C HIS B 175 5.85 4.22 30.92
N GLU B 176 6.09 5.02 31.95
CA GLU B 176 5.53 6.38 32.00
C GLU B 176 5.99 7.30 30.88
N ASN B 177 7.16 7.04 30.33
CA ASN B 177 7.69 7.89 29.27
C ASN B 177 6.76 7.93 28.08
N PHE B 178 6.00 6.86 27.88
CA PHE B 178 5.00 6.83 26.84
C PHE B 178 3.80 7.72 27.14
N ILE B 179 3.43 7.80 28.42
CA ILE B 179 2.25 8.55 28.83
C ILE B 179 2.57 10.04 28.91
N LYS B 180 3.71 10.34 29.51
CA LYS B 180 4.20 11.70 29.64
C LYS B 180 4.15 12.37 28.24
N LYS B 181 5.00 11.94 27.33
CA LYS B 181 4.99 12.43 25.96
C LYS B 181 3.95 11.70 25.14
N GLY B 198 -10.50 6.94 35.10
CA GLY B 198 -11.08 8.26 34.82
C GLY B 198 -10.21 9.11 33.89
N PHE B 199 -10.28 8.84 32.59
CA PHE B 199 -9.59 9.65 31.57
C PHE B 199 -10.46 10.78 30.96
N SER B 200 -9.85 11.68 30.18
CA SER B 200 -10.58 12.72 29.44
C SER B 200 -10.19 12.72 27.95
N TYR B 201 -11.13 13.05 27.07
CA TYR B 201 -10.90 13.26 25.64
C TYR B 201 -10.33 14.66 25.40
N THR B 202 -9.41 14.78 24.45
CA THR B 202 -8.89 16.09 24.03
C THR B 202 -9.98 16.80 23.24
N LYS B 203 -9.82 18.09 22.99
CA LYS B 203 -10.85 18.77 22.20
C LYS B 203 -10.99 18.14 20.84
N ILE B 204 -9.87 17.84 20.18
CA ILE B 204 -9.85 17.27 18.84
C ILE B 204 -10.63 15.97 18.83
N ASP B 205 -10.34 15.11 19.79
CA ASP B 205 -10.93 13.79 19.80
C ASP B 205 -12.41 13.86 20.03
N GLU B 206 -12.85 14.82 20.86
CA GLU B 206 -14.23 14.91 21.20
C GLU B 206 -15.01 15.42 19.99
N GLY B 207 -14.38 16.28 19.20
CA GLY B 207 -14.99 16.80 17.99
C GLY B 207 -15.07 15.73 16.94
N LEU B 208 -14.02 14.93 16.88
CA LEU B 208 -13.94 13.80 15.97
C LEU B 208 -15.00 12.77 16.31
N LYS B 209 -15.12 12.46 17.59
CA LYS B 209 -16.11 11.53 18.07
C LYS B 209 -17.54 12.06 17.80
N ALA B 210 -17.79 13.33 18.15
CA ALA B 210 -19.09 13.96 17.91
C ALA B 210 -19.53 13.88 16.45
N LEU B 211 -18.62 14.19 15.54
CA LEU B 211 -18.91 14.14 14.12
C LEU B 211 -19.21 12.73 13.66
N GLU B 212 -18.43 11.78 14.14
CA GLU B 212 -18.56 10.41 13.71
C GLU B 212 -19.87 9.80 14.17
N THR B 213 -20.30 10.15 15.38
CA THR B 213 -21.51 9.56 15.95
C THR B 213 -22.72 10.48 15.83
N ASN B 214 -22.64 11.48 14.97
CA ASN B 214 -23.72 12.46 14.74
C ASN B 214 -24.43 12.97 16.01
N ASP B 215 -23.62 13.27 17.03
CA ASP B 215 -24.08 13.84 18.30
C ASP B 215 -24.41 15.34 18.13
N GLU B 216 -25.44 15.64 17.33
CA GLU B 216 -25.85 17.01 17.02
C GLU B 216 -25.99 17.86 18.29
N LYS B 217 -26.03 17.16 19.42
CA LYS B 217 -26.21 17.76 20.74
C LYS B 217 -24.92 18.37 21.27
N LEU B 218 -23.84 17.60 21.16
CA LEU B 218 -22.55 18.06 21.65
C LEU B 218 -22.01 19.04 20.64
N LEU B 219 -22.33 18.78 19.37
CA LEU B 219 -21.88 19.61 18.26
C LEU B 219 -22.11 21.11 18.44
N ARG B 220 -23.27 21.49 18.96
CA ARG B 220 -23.55 22.92 19.15
C ARG B 220 -22.77 23.52 20.33
N THR B 221 -22.46 22.64 21.28
CA THR B 221 -21.48 22.93 22.34
C THR B 221 -20.13 23.43 21.83
N LEU B 222 -19.65 22.85 20.73
CA LEU B 222 -18.23 22.99 20.35
C LEU B 222 -17.90 24.21 19.51
N ASP B 223 -16.60 24.47 19.39
CA ASP B 223 -16.12 25.63 18.64
C ASP B 223 -16.23 25.38 17.14
N PRO B 224 -16.91 26.27 16.43
CA PRO B 224 -17.19 26.07 15.01
C PRO B 224 -15.94 26.03 14.15
N SER B 225 -14.96 26.88 14.47
CA SER B 225 -13.71 26.89 13.70
C SER B 225 -13.05 25.53 13.78
N LEU B 226 -13.08 24.93 14.96
CA LEU B 226 -12.50 23.63 15.17
C LEU B 226 -13.16 22.60 14.27
N ILE B 227 -14.49 22.56 14.36
CA ILE B 227 -15.30 21.64 13.58
C ILE B 227 -15.07 21.83 12.09
N ALA B 228 -14.96 23.08 11.66
CA ALA B 228 -14.75 23.34 10.24
C ALA B 228 -13.46 22.68 9.81
N MSE B 229 -12.48 22.71 10.68
CA MSE B 229 -11.20 22.11 10.34
C MSE B 229 -11.20 20.61 10.39
O MSE B 229 -10.59 19.96 9.54
CB MSE B 229 -10.13 22.65 11.25
CG MSE B 229 -10.08 24.15 11.18
SE MSE B 229 -8.76 24.78 12.39
CE MSE B 229 -7.26 24.24 11.23
N LEU B 230 -11.84 20.07 11.42
CA LEU B 230 -11.95 18.65 11.53
C LEU B 230 -12.63 18.12 10.27
N LYS B 231 -13.70 18.80 9.87
CA LYS B 231 -14.40 18.43 8.67
C LYS B 231 -13.51 18.59 7.44
N ASN B 232 -12.82 19.71 7.34
CA ASN B 232 -11.91 19.91 6.21
C ASN B 232 -10.87 18.80 6.05
N ARG B 233 -10.33 18.30 7.18
CA ARG B 233 -9.33 17.27 7.12
C ARG B 233 -9.89 15.95 6.60
N MSE B 234 -10.90 15.44 7.30
CA MSE B 234 -11.42 14.12 7.00
C MSE B 234 -11.90 14.03 5.57
O MSE B 234 -11.71 13.00 4.91
CB MSE B 234 -12.53 13.74 7.94
CG MSE B 234 -12.25 14.14 9.35
SE MSE B 234 -13.75 13.97 10.59
CE MSE B 234 -15.32 14.30 9.43
N GLN B 235 -12.49 15.12 5.09
CA GLN B 235 -13.00 15.21 3.74
C GLN B 235 -11.89 15.06 2.71
N LYS B 236 -10.78 15.79 2.87
CA LYS B 236 -9.73 15.79 1.84
C LYS B 236 -8.82 14.54 1.87
N ASN B 237 -8.90 13.78 2.95
CA ASN B 237 -8.07 12.59 3.13
C ASN B 237 -8.87 11.30 3.28
N ALA B 238 -10.08 11.26 2.73
CA ALA B 238 -10.92 10.06 2.82
C ALA B 238 -10.42 8.96 1.90
N PHE B 239 -9.71 9.35 0.83
CA PHE B 239 -9.19 8.42 -0.18
C PHE B 239 -8.11 7.43 0.36
N LYS B 240 -7.54 7.76 1.52
CA LYS B 240 -6.54 6.91 2.16
C LYS B 240 -7.16 5.66 2.75
N GLY B 241 -8.41 5.76 3.21
CA GLY B 241 -9.15 4.61 3.72
C GLY B 241 -9.86 3.76 2.67
N LYS B 242 -9.60 4.05 1.38
CA LYS B 242 -10.28 3.41 0.24
C LYS B 242 -9.29 2.70 -0.73
N MSE B 243 -9.73 1.60 -1.32
CA MSE B 243 -8.99 0.90 -2.36
C MSE B 243 -8.96 1.70 -3.65
O MSE B 243 -9.81 2.58 -3.84
CB MSE B 243 -9.66 -0.44 -2.67
CG MSE B 243 -9.53 -1.50 -1.60
SE MSE B 243 -7.73 -2.30 -1.49
CE MSE B 243 -7.60 -3.10 -3.31
N PRO B 244 -8.03 1.38 -4.55
CA PRO B 244 -8.08 2.02 -5.85
C PRO B 244 -9.37 1.71 -6.58
N GLU B 245 -9.93 2.71 -7.24
CA GLU B 245 -11.13 2.51 -8.03
C GLU B 245 -10.79 1.97 -9.40
N ILE B 246 -11.27 0.75 -9.67
CA ILE B 246 -11.15 0.10 -10.95
C ILE B 246 -12.40 0.32 -11.81
N LEU B 247 -12.21 0.77 -13.05
CA LEU B 247 -13.31 0.97 -13.97
C LEU B 247 -13.96 -0.35 -14.36
N GLU B 248 -15.30 -0.36 -14.47
CA GLU B 248 -16.07 -1.53 -14.93
C GLU B 248 -16.72 -1.31 -16.31
N NO3 C . 10.04 -0.43 -14.67
O1 NO3 C . 9.19 0.44 -13.98
O2 NO3 C . 10.26 -1.75 -14.29
O3 NO3 C . 10.72 -0.01 -15.79
N NO3 D . 10.80 3.57 13.58
O1 NO3 D . 9.74 2.72 13.19
O2 NO3 D . 11.87 3.10 14.37
O3 NO3 D . 10.78 4.93 13.24
N NO3 E . 15.21 -7.10 31.01
O1 NO3 E . 13.82 -7.17 31.24
O2 NO3 E . 15.97 -6.12 31.69
O3 NO3 E . 15.75 -8.05 30.13
N NO3 F . 13.69 7.01 32.42
O1 NO3 F . 12.69 6.70 31.54
O2 NO3 F . 14.05 6.04 33.39
O3 NO3 F . 14.26 8.29 32.32
#